data_6ZV8
#
_entry.id   6ZV8
#
_cell.length_a   69.166
_cell.length_b   70.342
_cell.length_c   71.372
_cell.angle_alpha   90.000
_cell.angle_beta   100.280
_cell.angle_gamma   90.000
#
_symmetry.space_group_name_H-M   'C 1 2 1'
#
loop_
_entity.id
_entity.type
_entity.pdbx_description
1 polymer Prothrombin
2 polymer Prothrombin
3 polymer Hirudin-2
4 non-polymer [2-[[(1~{S})-1-(3-chlorophenyl)-2-fluoranyl-ethyl]amino]-7-methoxy-1,3-benzoxazol-5-yl]-[(2~{S},5~{S})-5-(2-hydroxyethyl)-2-methyl-morpholin-4-yl]methanone
5 non-polymer 2-acetamido-2-deoxy-beta-D-glucopyranose
6 water water
#
loop_
_entity_poly.entity_id
_entity_poly.type
_entity_poly.pdbx_seq_one_letter_code
_entity_poly.pdbx_strand_id
1 'polypeptide(L)' TFGSGEADCGLRPLFEKKSLEDKTERELLESYIDGR L
2 'polypeptide(L)'
;IVEGSDAEIGMSPWQVMLFRKSPQELLCGASLISDRWVLTAAHCLLYPPWDKNFTENDLLVRIGKHSRTRYERNIEKISM
LEKIYIHPRYNWRENLDRDIALMKLKKPVAFSDYIHPVCLPDRETAASLLQAGYKGRVTGWGNLKETWTANVGKGQPSVL
QVVNLPIVERPVCKDSTRIRITDNMFCAGYKPDEGKRGDACEGDSGGPFVMKSPFNNRWYQMGIVSWGEGCDRDGKYGFY
THVFRLKKWIQKVIDQFGE
;
H
3 'polypeptide(L)' GDFEEIPEE(TYS)L I
#
loop_
_chem_comp.id
_chem_comp.type
_chem_comp.name
_chem_comp.formula
NAG D-saccharide, beta linking 2-acetamido-2-deoxy-beta-D-glucopyranose 'C8 H15 N O6'
QQT non-polymer [2-[[(1~{S})-1-(3-chlorophenyl)-2-fluoranyl-ethyl]amino]-7-methoxy-1,3-benzoxazol-5-yl]-[(2~{S},5~{S})-5-(2-hydroxyethyl)-2-methyl-morpholin-4-yl]methanone 'C24 H27 Cl F N3 O5'
#
# COMPACT_ATOMS: atom_id res chain seq x y z
N ALA A 7 2.36 3.31 -19.41
CA ALA A 7 3.07 4.47 -20.01
C ALA A 7 2.97 5.65 -19.02
N ASP A 8 1.65 6.03 -18.34
CA ASP A 8 1.45 7.29 -17.67
C ASP A 8 1.64 7.18 -16.15
N CYS A 9 2.05 5.67 -15.88
CA CYS A 9 1.94 5.36 -14.45
C CYS A 9 2.71 6.30 -13.62
N GLY A 10 2.26 6.42 -12.39
CA GLY A 10 3.04 7.07 -11.33
C GLY A 10 3.15 8.59 -11.50
N LEU A 11 2.39 9.15 -12.39
CA LEU A 11 2.28 10.58 -12.55
C LEU A 11 0.90 11.06 -12.15
N ARG A 12 0.83 11.89 -11.14
CA ARG A 12 -0.44 12.23 -10.51
C ARG A 12 -1.07 13.42 -11.16
N PRO A 13 -2.31 13.29 -11.53
CA PRO A 13 -2.97 14.42 -12.20
C PRO A 13 -2.88 15.70 -11.44
N LEU A 14 -2.99 15.65 -10.12
CA LEU A 14 -3.04 16.89 -9.34
C LEU A 14 -1.65 17.30 -8.93
N PHE A 15 -0.63 16.55 -9.32
CA PHE A 15 0.73 16.91 -8.89
C PHE A 15 1.67 16.91 -10.04
N GLU A 16 2.27 15.77 -10.38
CA GLU A 16 3.21 15.78 -11.49
C GLU A 16 2.62 16.34 -12.76
N LYS A 17 1.37 16.00 -13.05
CA LYS A 17 0.82 16.40 -14.31
C LYS A 17 0.69 17.92 -14.39
N LYS A 18 0.69 18.61 -13.26
CA LYS A 18 0.50 20.06 -13.16
C LYS A 18 1.73 20.70 -12.69
N SER A 19 2.82 19.94 -12.58
CA SER A 19 4.02 20.45 -11.94
C SER A 19 3.79 21.10 -10.59
N LEU A 20 3.02 20.42 -9.74
CA LEU A 20 2.82 20.81 -8.42
C LEU A 20 3.37 19.70 -7.56
N GLU A 21 3.97 20.13 -6.48
CA GLU A 21 4.57 19.17 -5.55
C GLU A 21 3.66 19.06 -4.41
N ASP A 22 3.57 17.87 -3.80
CA ASP A 22 2.91 17.73 -2.59
C ASP A 22 3.72 18.20 -1.43
N LYS A 23 3.14 18.28 -0.13
CA LYS A 23 3.80 19.00 0.97
C LYS A 23 5.04 18.26 1.42
N THR A 24 5.36 16.87 1.14
CA THR A 24 6.45 16.21 1.87
C THR A 24 7.28 15.50 0.82
N GLU A 25 6.88 15.50 -0.61
CA GLU A 25 7.73 14.67 -1.49
C GLU A 25 9.20 15.14 -1.51
N ARG A 26 9.44 16.42 -1.10
CA ARG A 26 10.84 16.90 -1.10
C ARG A 26 11.70 16.11 -0.10
N GLU A 27 10.93 15.78 1.17
CA GLU A 27 11.52 14.85 2.14
C GLU A 27 12.06 13.61 1.46
N LEU A 28 11.26 12.97 0.53
CA LEU A 28 11.79 11.75 -0.05
C LEU A 28 13.05 12.13 -0.83
N LEU A 29 12.94 13.27 -1.72
CA LEU A 29 14.00 13.48 -2.69
C LEU A 29 15.30 13.71 -1.92
N GLU A 30 14.99 14.52 -0.81
CA GLU A 30 16.24 14.81 -0.01
C GLU A 30 16.95 13.60 0.57
N SER A 31 16.24 12.50 0.79
CA SER A 31 16.75 11.27 1.38
C SER A 31 17.42 10.44 0.30
N TYR A 32 17.32 10.85 -1.14
CA TYR A 32 17.88 10.03 -2.21
C TYR A 32 19.19 10.67 -2.56
N ILE A 33 20.23 10.35 -1.41
CA ILE A 33 21.49 11.04 -1.35
C ILE A 33 22.53 10.39 -2.24
N ILE B 1 -2.34 4.34 9.94
CA ILE B 1 -1.05 4.97 9.94
C ILE B 1 -0.89 5.73 11.24
N VAL B 2 0.17 5.44 11.93
CA VAL B 2 0.62 6.12 13.14
C VAL B 2 1.58 7.26 12.86
N GLU B 3 1.27 8.41 13.44
CA GLU B 3 2.15 9.54 13.35
C GLU B 3 2.36 10.03 11.92
N GLY B 4 1.34 9.86 11.12
CA GLY B 4 1.32 10.45 9.81
C GLY B 4 0.48 11.70 9.79
N SER B 5 0.02 12.05 8.62
CA SER B 5 -0.75 13.25 8.42
C SER B 5 -1.83 12.97 7.42
N ASP B 6 -2.81 13.87 7.32
CA ASP B 6 -3.90 13.65 6.34
C ASP B 6 -3.33 13.77 4.97
N ALA B 7 -3.68 12.86 4.08
CA ALA B 7 -3.27 13.02 2.71
C ALA B 7 -3.82 14.28 2.07
N GLU B 8 -3.05 14.86 1.15
CA GLU B 8 -3.58 15.89 0.26
C GLU B 8 -4.45 15.23 -0.78
N ILE B 9 -5.37 16.03 -1.31
CA ILE B 9 -6.26 15.51 -2.31
C ILE B 9 -5.49 15.10 -3.58
N GLY B 10 -5.70 13.89 -4.07
CA GLY B 10 -5.03 13.35 -5.21
C GLY B 10 -3.59 12.98 -4.99
N MET B 11 -3.14 12.89 -3.75
CA MET B 11 -1.74 12.65 -3.46
C MET B 11 -1.32 11.21 -3.74
N SER B 12 -2.26 10.30 -3.52
CA SER B 12 -1.98 8.92 -3.68
C SER B 12 -3.13 8.32 -4.50
N PRO B 13 -3.22 8.67 -5.82
CA PRO B 13 -4.38 8.32 -6.61
C PRO B 13 -4.41 6.89 -6.95
N TRP B 14 -3.36 6.15 -6.57
CA TRP B 14 -3.30 4.71 -6.71
C TRP B 14 -3.79 3.99 -5.44
N GLN B 15 -4.10 4.77 -4.41
CA GLN B 15 -4.56 4.16 -3.15
C GLN B 15 -5.86 3.44 -3.39
N VAL B 16 -5.97 2.22 -2.85
CA VAL B 16 -7.22 1.51 -2.98
C VAL B 16 -7.58 1.08 -1.57
N MET B 17 -8.86 1.13 -1.30
CA MET B 17 -9.43 0.55 -0.18
C MET B 17 -10.08 -0.78 -0.54
N LEU B 18 -9.66 -1.79 0.18
CA LEU B 18 -10.36 -3.09 0.15
C LEU B 18 -11.42 -2.97 1.21
N PHE B 19 -12.64 -3.13 0.77
CA PHE B 19 -13.82 -2.93 1.57
C PHE B 19 -14.65 -4.19 1.65
N ARG B 20 -14.87 -4.62 2.89
CA ARG B 20 -15.59 -5.83 3.12
C ARG B 20 -17.03 -5.40 3.01
N LYS B 21 -17.81 -6.19 2.29
CA LYS B 21 -19.23 -5.95 2.08
C LYS B 21 -20.05 -6.16 3.34
N SER B 22 -19.90 -7.35 3.92
CA SER B 22 -20.64 -7.73 5.14
C SER B 22 -19.74 -8.52 6.06
N PRO B 23 -19.53 -7.74 7.51
CA PRO B 23 -19.80 -6.37 7.86
C PRO B 23 -19.13 -5.36 6.88
N GLN B 24 -19.59 -4.11 6.90
CA GLN B 24 -18.96 -3.07 6.08
C GLN B 24 -17.77 -2.56 6.89
N GLU B 25 -16.54 -2.89 6.47
CA GLU B 25 -15.40 -2.48 7.24
C GLU B 25 -14.25 -2.34 6.27
N LEU B 26 -13.23 -1.68 6.76
CA LEU B 26 -11.99 -1.57 6.02
C LEU B 26 -11.29 -2.92 6.17
N LEU B 27 -11.01 -3.53 5.03
CA LEU B 27 -10.27 -4.82 5.10
C LEU B 27 -8.81 -4.62 5.01
N CYS B 28 -8.37 -3.68 4.20
CA CYS B 28 -6.97 -3.51 3.96
C CYS B 28 -6.80 -2.37 2.96
N GLY B 29 -5.55 -2.04 2.73
CA GLY B 29 -5.18 -1.08 1.71
C GLY B 29 -4.80 -1.96 0.51
N ALA B 30 -4.59 -1.31 -0.59
CA ALA B 30 -4.19 -1.93 -1.84
C ALA B 30 -3.78 -0.76 -2.74
N SER B 31 -3.41 -1.09 -3.93
CA SER B 31 -2.95 -0.14 -4.87
C SER B 31 -3.39 -0.46 -6.28
N LEU B 32 -3.57 0.57 -7.07
CA LEU B 32 -4.00 0.38 -8.43
C LEU B 32 -2.79 0.40 -9.31
N ILE B 33 -2.60 -0.66 -10.07
CA ILE B 33 -1.39 -0.76 -10.91
C ILE B 33 -1.72 -0.80 -12.39
N SER B 34 -3.01 -0.96 -12.71
CA SER B 34 -3.49 -0.63 -14.07
C SER B 34 -4.97 -0.37 -13.99
N ASP B 35 -5.68 -0.32 -15.13
CA ASP B 35 -7.08 -0.06 -15.04
C ASP B 35 -7.84 -1.28 -14.61
N ARG B 36 -7.23 -2.44 -14.59
CA ARG B 36 -7.98 -3.58 -14.03
C ARG B 36 -7.29 -4.39 -12.98
N TRP B 37 -6.16 -3.91 -12.48
CA TRP B 37 -5.41 -4.75 -11.54
C TRP B 37 -5.09 -3.94 -10.35
N VAL B 38 -5.23 -4.60 -9.22
CA VAL B 38 -5.03 -4.03 -7.95
C VAL B 38 -4.08 -4.94 -7.18
N LEU B 39 -3.14 -4.32 -6.50
CA LEU B 39 -2.17 -5.10 -5.80
C LEU B 39 -2.40 -4.94 -4.30
N THR B 40 -2.21 -6.01 -3.53
CA THR B 40 -2.33 -5.91 -2.12
C THR B 40 -1.43 -6.99 -1.48
N ALA B 41 -1.57 -7.11 -0.19
CA ALA B 41 -0.92 -8.14 0.59
C ALA B 41 -1.80 -9.39 0.58
N ALA B 42 -1.18 -10.52 0.35
CA ALA B 42 -1.93 -11.79 0.43
C ALA B 42 -2.71 -11.93 1.74
N HIS B 43 -2.11 -11.50 2.83
CA HIS B 43 -2.62 -11.75 4.15
C HIS B 43 -3.89 -10.90 4.43
N CYS B 44 -4.12 -9.95 3.53
CA CYS B 44 -5.40 -9.26 3.52
C CYS B 44 -6.52 -10.15 3.09
N LEU B 45 -6.20 -11.19 2.34
CA LEU B 45 -7.21 -12.00 1.68
C LEU B 45 -7.17 -13.37 2.32
N LEU B 46 -5.97 -13.85 2.69
CA LEU B 46 -5.86 -15.27 3.13
C LEU B 46 -4.96 -15.23 4.29
N TYR B 47 -5.43 -15.56 5.52
CA TYR B 47 -4.56 -15.64 6.67
C TYR B 47 -5.22 -16.59 7.69
N PRO B 48 -5.01 -17.92 7.33
CA PRO B 48 -5.84 -18.90 8.06
C PRO B 48 -5.61 -18.74 9.53
N PRO B 49 -4.45 -18.23 10.43
CA PRO B 49 -4.28 -18.05 11.85
C PRO B 49 -5.31 -17.18 12.51
N TRP B 50 -5.83 -16.22 11.39
CA TRP B 50 -6.80 -15.27 11.97
C TRP B 50 -8.14 -15.51 11.30
N ASP B 51 -8.55 -17.10 10.47
CA ASP B 51 -9.73 -17.45 9.70
C ASP B 51 -10.19 -16.26 8.90
N LYS B 52 -8.96 -15.71 8.22
CA LYS B 52 -9.25 -14.85 7.10
C LYS B 52 -9.13 -15.73 5.86
N ASN B 53 -10.24 -15.83 4.63
CA ASN B 53 -10.18 -16.50 3.34
C ASN B 53 -11.32 -16.10 2.49
N PHE B 54 -10.81 -14.44 2.31
CA PHE B 54 -11.91 -13.89 1.56
C PHE B 54 -11.83 -14.45 0.17
N THR B 55 -13.24 -14.37 -0.46
CA THR B 55 -13.37 -14.68 -1.80
C THR B 55 -13.69 -13.36 -2.51
N GLU B 56 -13.72 -13.43 -3.82
CA GLU B 56 -13.94 -12.24 -4.61
C GLU B 56 -15.20 -11.55 -4.17
N ASN B 57 -16.28 -12.31 -3.92
CA ASN B 57 -17.56 -11.69 -3.65
C ASN B 57 -17.71 -11.04 -2.32
N ASP B 58 -16.71 -11.22 -1.45
CA ASP B 58 -16.76 -10.73 -0.12
C ASP B 58 -16.36 -9.25 0.01
N LEU B 59 -15.68 -8.73 -1.03
CA LEU B 59 -14.98 -7.49 -0.94
C LEU B 59 -15.32 -6.63 -2.14
N LEU B 60 -15.20 -5.33 -1.94
CA LEU B 60 -15.16 -4.39 -3.01
C LEU B 60 -13.82 -3.67 -2.95
N VAL B 61 -13.49 -3.12 -4.11
CA VAL B 61 -12.32 -2.25 -4.32
C VAL B 61 -12.93 -0.84 -4.40
N ARG B 62 -12.42 0.09 -3.61
CA ARG B 62 -12.87 1.47 -3.62
C ARG B 62 -11.65 2.33 -3.92
N ILE B 63 -11.73 3.07 -5.00
CA ILE B 63 -10.59 3.68 -5.63
C ILE B 63 -10.91 5.11 -5.74
N GLY B 64 -9.93 5.95 -5.50
CA GLY B 64 -10.17 7.40 -5.59
C GLY B 64 -10.55 8.01 -4.28
N LYS B 65 -10.43 7.23 -3.19
CA LYS B 65 -10.85 7.70 -1.92
C LYS B 65 -9.93 8.61 -1.18
N HIS B 66 -10.59 9.36 -0.33
CA HIS B 66 -9.98 10.21 0.68
C HIS B 66 -10.56 10.06 2.04
N SER B 67 -11.85 10.37 2.20
CA SER B 67 -12.49 10.03 3.40
C SER B 67 -12.47 8.52 3.64
N ARG B 68 -12.24 8.11 4.86
CA ARG B 68 -12.27 6.66 5.20
C ARG B 68 -13.70 6.17 5.01
N THR B 69 -14.64 6.81 5.72
CA THR B 69 -15.99 6.18 5.90
C THR B 69 -17.06 6.65 4.94
N ARG B 70 -16.86 7.81 4.36
CA ARG B 70 -17.85 8.45 3.58
C ARG B 70 -17.91 7.90 2.17
N TYR B 71 -19.11 7.93 1.56
CA TYR B 71 -19.21 7.55 0.19
C TYR B 71 -18.97 8.76 -0.63
N GLU B 72 -17.82 8.80 -1.32
CA GLU B 72 -17.37 9.91 -2.16
C GLU B 72 -17.85 9.60 -3.57
N ARG B 73 -19.25 10.40 -3.58
CA ARG B 73 -19.96 10.29 -4.76
C ARG B 73 -19.25 11.17 -5.76
N ASN B 74 -19.20 10.76 -7.01
CA ASN B 74 -18.58 11.45 -8.16
C ASN B 74 -17.03 11.50 -8.01
N ILE B 75 -16.48 10.80 -7.05
CA ILE B 75 -15.00 10.84 -6.87
C ILE B 75 -14.48 9.42 -6.77
N GLU B 76 -14.89 8.70 -5.75
CA GLU B 76 -14.48 7.30 -5.69
C GLU B 76 -15.22 6.47 -6.72
N LYS B 77 -14.55 5.41 -7.05
CA LYS B 77 -15.11 4.43 -7.90
C LYS B 77 -15.03 3.13 -7.12
N ILE B 78 -16.14 2.42 -7.14
CA ILE B 78 -16.23 1.15 -6.48
C ILE B 78 -16.22 0.05 -7.51
N SER B 79 -15.34 -0.93 -7.31
CA SER B 79 -15.09 -1.98 -8.29
C SER B 79 -15.23 -3.33 -7.65
N MET B 80 -15.73 -4.26 -8.47
CA MET B 80 -15.96 -5.61 -8.01
C MET B 80 -14.82 -6.42 -8.47
N LEU B 81 -14.50 -7.47 -7.73
CA LEU B 81 -13.40 -8.33 -8.13
C LEU B 81 -13.83 -9.43 -9.03
N GLU B 82 -13.13 -9.56 -10.12
CA GLU B 82 -13.20 -10.73 -10.97
C GLU B 82 -12.49 -11.91 -10.37
N LYS B 83 -11.23 -11.71 -9.96
CA LYS B 83 -10.48 -12.84 -9.48
C LYS B 83 -9.32 -12.32 -8.63
N ILE B 84 -9.05 -13.07 -7.59
CA ILE B 84 -7.91 -12.87 -6.69
C ILE B 84 -6.87 -13.86 -7.07
N TYR B 85 -5.61 -13.45 -7.01
CA TYR B 85 -4.49 -14.29 -7.20
C TYR B 85 -3.52 -14.00 -6.08
N ILE B 86 -3.27 -15.03 -5.31
CA ILE B 86 -2.36 -14.95 -4.20
C ILE B 86 -1.13 -15.65 -4.65
N HIS B 87 0.03 -15.09 -4.32
CA HIS B 87 1.31 -15.75 -4.61
C HIS B 87 1.27 -17.20 -4.14
N PRO B 88 1.58 -18.13 -5.03
CA PRO B 88 1.52 -19.53 -4.57
C PRO B 88 2.48 -19.94 -3.46
N ARG B 89 3.53 -19.18 -3.26
CA ARG B 89 4.53 -19.46 -2.24
C ARG B 89 4.46 -18.46 -1.12
N TYR B 90 3.31 -17.77 -1.00
CA TYR B 90 3.03 -16.93 0.12
C TYR B 90 3.16 -17.75 1.42
N ASN B 91 4.02 -17.29 2.30
CA ASN B 91 4.33 -18.09 3.52
C ASN B 91 3.56 -17.49 4.69
N TRP B 92 2.30 -17.84 4.83
CA TRP B 92 1.51 -17.34 5.95
C TRP B 92 1.80 -18.12 7.19
N ARG B 93 2.34 -19.31 7.02
CA ARG B 93 2.67 -20.10 8.21
C ARG B 93 3.80 -19.51 8.97
N GLU B 94 5.03 -18.89 8.65
CA GLU B 94 6.35 -18.70 9.23
C GLU B 94 6.46 -17.23 9.38
N ASN B 95 6.31 -16.52 8.25
CA ASN B 95 6.74 -15.14 8.32
C ASN B 95 6.13 -14.17 7.32
N LEU B 96 5.04 -14.53 6.69
CA LEU B 96 4.48 -13.67 5.58
C LEU B 96 5.40 -13.39 4.40
N ASP B 97 6.32 -14.30 4.13
CA ASP B 97 7.11 -14.19 2.94
C ASP B 97 6.22 -14.22 1.73
N ARG B 98 6.55 -13.39 0.76
CA ARG B 98 5.77 -13.19 -0.45
C ARG B 98 4.37 -12.80 -0.10
N ASP B 99 4.19 -11.78 0.72
CA ASP B 99 2.88 -11.32 1.15
C ASP B 99 2.34 -10.45 0.09
N ILE B 100 1.88 -11.05 -0.99
CA ILE B 100 1.45 -10.33 -2.16
C ILE B 100 0.28 -11.08 -2.82
N ALA B 101 -0.64 -10.30 -3.31
CA ALA B 101 -1.76 -10.81 -4.07
C ALA B 101 -2.13 -9.81 -5.10
N LEU B 102 -2.73 -10.30 -6.18
CA LEU B 102 -3.33 -9.43 -7.17
C LEU B 102 -4.81 -9.67 -7.29
N MET B 103 -5.54 -8.64 -7.64
CA MET B 103 -6.97 -8.75 -7.80
C MET B 103 -7.27 -8.12 -9.14
N LYS B 104 -7.95 -8.86 -10.00
CA LYS B 104 -8.44 -8.35 -11.24
C LYS B 104 -9.84 -7.85 -11.05
N LEU B 105 -10.11 -6.66 -11.59
CA LEU B 105 -11.40 -6.05 -11.42
C LEU B 105 -12.32 -6.51 -12.54
N LYS B 106 -13.61 -6.50 -12.30
CA LYS B 106 -14.54 -6.97 -13.33
C LYS B 106 -14.52 -6.08 -14.52
N LYS B 107 -14.34 -4.79 -14.27
CA LYS B 107 -14.35 -3.78 -15.30
C LYS B 107 -13.22 -2.81 -15.05
N PRO B 108 -12.64 -2.26 -16.12
CA PRO B 108 -11.59 -1.28 -15.93
C PRO B 108 -12.14 -0.09 -15.20
N VAL B 109 -11.29 0.55 -14.40
CA VAL B 109 -11.72 1.69 -13.68
C VAL B 109 -11.27 2.84 -14.55
N ALA B 110 -12.11 3.87 -14.56
CA ALA B 110 -11.78 5.09 -15.26
C ALA B 110 -10.82 5.91 -14.43
N PHE B 111 -9.75 6.37 -15.07
CA PHE B 111 -8.79 7.25 -14.37
C PHE B 111 -9.35 8.62 -14.32
N SER B 112 -8.95 9.32 -13.25
CA SER B 112 -9.43 10.68 -13.00
C SER B 112 -8.39 11.38 -12.24
N ASP B 113 -8.72 12.57 -11.74
CA ASP B 113 -7.79 13.26 -10.93
C ASP B 113 -7.42 12.50 -9.66
N TYR B 114 -8.35 11.70 -9.23
CA TYR B 114 -8.26 10.97 -7.98
C TYR B 114 -7.86 9.54 -8.11
N ILE B 115 -7.82 9.04 -9.33
CA ILE B 115 -7.65 7.60 -9.61
C ILE B 115 -6.62 7.47 -10.67
N HIS B 116 -5.52 6.78 -10.37
CA HIS B 116 -4.44 6.72 -11.30
C HIS B 116 -3.40 5.73 -10.82
N PRO B 117 -2.90 4.93 -11.73
CA PRO B 117 -2.01 3.90 -11.25
C PRO B 117 -0.61 4.40 -10.89
N VAL B 118 -0.04 3.66 -9.97
CA VAL B 118 1.35 3.76 -9.62
C VAL B 118 2.18 2.82 -10.51
N CYS B 119 3.42 3.15 -10.68
CA CYS B 119 4.32 2.28 -11.40
C CYS B 119 4.89 1.19 -10.55
N LEU B 120 5.20 0.11 -11.23
CA LEU B 120 5.97 -0.95 -10.55
C LEU B 120 7.39 -0.79 -10.97
N PRO B 121 8.34 -0.99 -10.08
CA PRO B 121 9.78 -0.84 -10.29
C PRO B 121 10.32 -1.91 -11.26
N ASP B 122 11.28 -1.52 -12.04
CA ASP B 122 12.09 -2.50 -12.68
C ASP B 122 13.37 -2.68 -11.88
N ARG B 123 14.28 -3.53 -12.33
CA ARG B 123 15.42 -3.86 -11.52
C ARG B 123 16.26 -2.63 -11.20
N GLU B 124 16.33 -1.71 -12.17
CA GLU B 124 17.21 -0.56 -12.04
C GLU B 124 16.64 0.43 -11.01
N THR B 125 15.34 0.62 -11.07
CA THR B 125 14.59 1.39 -10.07
C THR B 125 14.84 0.87 -8.68
N ALA B 126 14.70 -0.43 -8.52
CA ALA B 126 14.80 -1.08 -7.25
C ALA B 126 16.18 -0.86 -6.72
N ALA B 127 17.17 -1.17 -7.75
CA ALA B 127 18.56 -1.25 -7.27
C ALA B 127 19.01 0.11 -6.83
N SER B 128 18.38 1.33 -7.52
CA SER B 128 18.71 2.72 -7.24
C SER B 128 18.15 3.24 -5.96
N LEU B 129 16.82 2.91 -5.74
CA LEU B 129 16.02 3.50 -4.69
C LEU B 129 15.95 2.67 -3.43
N LEU B 130 16.10 1.34 -3.47
CA LEU B 130 15.90 0.59 -2.23
C LEU B 130 17.19 0.55 -1.43
N GLN B 131 17.49 1.69 -0.89
CA GLN B 131 18.69 1.87 -0.13
C GLN B 131 18.38 2.35 1.21
N ALA B 132 19.09 1.81 2.20
CA ALA B 132 18.93 2.29 3.55
C ALA B 132 19.05 3.81 3.58
N GLY B 133 18.16 4.45 4.29
CA GLY B 133 18.10 5.87 4.42
C GLY B 133 17.17 6.53 3.44
N TYR B 134 16.98 5.93 2.27
CA TYR B 134 16.06 6.47 1.24
C TYR B 134 14.67 6.26 1.82
N LYS B 135 13.85 7.30 1.75
CA LYS B 135 12.50 7.28 2.27
C LYS B 135 11.47 6.97 1.21
N GLY B 136 10.48 6.19 1.60
CA GLY B 136 9.33 5.98 0.85
C GLY B 136 8.18 6.50 1.61
N ARG B 137 6.98 6.27 1.04
CA ARG B 137 5.78 6.81 1.56
C ARG B 137 4.78 5.70 1.71
N VAL B 138 4.11 5.67 2.85
CA VAL B 138 3.13 4.63 3.14
C VAL B 138 1.83 5.37 3.39
N THR B 139 0.72 4.83 2.91
CA THR B 139 -0.53 5.54 3.04
C THR B 139 -1.57 4.54 3.44
N GLY B 140 -2.60 4.95 4.17
CA GLY B 140 -3.60 4.04 4.54
C GLY B 140 -4.63 4.63 5.47
N TRP B 141 -5.70 3.91 5.62
CA TRP B 141 -6.80 4.33 6.49
C TRP B 141 -6.84 3.55 7.79
N GLY B 142 -5.73 2.88 8.05
CA GLY B 142 -5.57 2.09 9.24
C GLY B 142 -5.50 2.90 10.48
N ASN B 143 -5.47 2.17 11.59
CA ASN B 143 -5.47 2.85 12.87
C ASN B 143 -4.36 3.84 13.04
N LEU B 144 -4.63 4.89 13.79
CA LEU B 144 -3.66 5.91 14.11
C LEU B 144 -2.74 5.54 15.31
N LYS B 145 -3.12 4.53 16.09
CA LYS B 145 -2.22 4.03 17.11
C LYS B 145 -2.48 2.59 17.33
N GLU B 146 -1.50 1.93 17.89
CA GLU B 146 -1.56 0.50 18.13
C GLU B 146 -2.76 0.10 18.95
N THR B 147 -3.04 0.85 19.99
CA THR B 147 -4.12 0.50 20.90
C THR B 147 -5.17 1.61 20.98
N GLY B 155 -8.81 7.22 17.07
CA GLY B 155 -8.25 5.89 16.81
C GLY B 155 -8.21 5.47 15.33
N GLN B 156 -9.28 5.75 14.58
CA GLN B 156 -9.26 5.60 13.12
C GLN B 156 -9.44 6.94 12.46
N PRO B 157 -8.85 7.14 11.28
CA PRO B 157 -8.74 8.48 10.72
C PRO B 157 -9.97 8.83 9.96
N SER B 158 -10.26 10.14 9.83
CA SER B 158 -11.31 10.61 8.95
C SER B 158 -10.94 10.48 7.51
N VAL B 159 -9.66 10.77 7.22
CA VAL B 159 -9.18 10.62 5.90
C VAL B 159 -7.88 9.79 5.81
N LEU B 160 -7.54 9.53 4.57
CA LEU B 160 -6.33 8.85 4.19
C LEU B 160 -5.14 9.49 4.90
N GLN B 161 -4.26 8.67 5.42
CA GLN B 161 -3.11 9.13 6.14
C GLN B 161 -1.86 8.80 5.38
N VAL B 162 -0.84 9.60 5.56
CA VAL B 162 0.41 9.48 4.84
C VAL B 162 1.52 9.62 5.81
N VAL B 163 2.52 8.81 5.62
CA VAL B 163 3.74 8.93 6.36
C VAL B 163 4.93 8.59 5.52
N ASN B 164 6.01 9.39 5.65
CA ASN B 164 7.26 9.04 4.91
C ASN B 164 8.22 8.38 5.83
N LEU B 165 8.84 7.28 5.39
CA LEU B 165 9.65 6.46 6.30
C LEU B 165 10.87 5.98 5.56
N PRO B 166 12.03 6.00 6.26
CA PRO B 166 13.24 5.57 5.63
C PRO B 166 13.39 4.08 5.64
N ILE B 167 13.99 3.59 4.58
CA ILE B 167 14.31 2.13 4.44
C ILE B 167 15.39 1.92 5.46
N VAL B 168 15.37 0.74 6.03
CA VAL B 168 16.30 0.40 7.11
C VAL B 168 17.31 -0.63 6.66
N GLU B 169 18.54 -0.52 7.17
CA GLU B 169 19.57 -1.47 6.80
C GLU B 169 19.13 -2.85 7.20
N ARG B 170 19.48 -3.83 6.38
CA ARG B 170 18.91 -5.16 6.56
C ARG B 170 19.29 -5.84 7.88
N PRO B 171 20.52 -5.68 8.32
CA PRO B 171 20.88 -6.23 9.61
C PRO B 171 20.07 -5.60 10.76
N VAL B 172 19.72 -4.33 10.67
CA VAL B 172 18.92 -3.68 11.68
C VAL B 172 17.51 -4.23 11.71
N CYS B 173 16.94 -4.36 10.51
CA CYS B 173 15.66 -5.03 10.36
C CYS B 173 15.68 -6.41 11.02
N LYS B 174 16.74 -7.16 10.75
CA LYS B 174 16.82 -8.52 11.20
C LYS B 174 16.94 -8.55 12.70
N ASP B 175 17.73 -7.62 13.20
CA ASP B 175 17.95 -7.55 14.65
C ASP B 175 16.82 -7.03 15.47
N SER B 176 15.78 -6.54 14.82
CA SER B 176 14.67 -5.99 15.55
C SER B 176 13.61 -6.98 15.93
N THR B 177 13.73 -8.20 15.40
CA THR B 177 12.65 -9.11 15.48
C THR B 177 13.19 -10.50 15.65
N ARG B 178 12.38 -11.44 16.15
CA ARG B 178 12.73 -12.85 16.16
C ARG B 178 12.30 -13.52 14.88
N ILE B 179 11.50 -12.85 14.06
CA ILE B 179 11.00 -13.51 12.86
C ILE B 179 12.08 -13.56 11.81
N ARG B 180 12.11 -14.60 11.01
CA ARG B 180 13.10 -14.73 9.94
C ARG B 180 12.73 -13.80 8.81
N ILE B 181 13.57 -12.84 8.56
CA ILE B 181 13.32 -11.91 7.45
C ILE B 181 13.89 -12.50 6.16
N THR B 182 13.18 -12.36 5.04
CA THR B 182 13.62 -12.89 3.78
C THR B 182 14.04 -11.76 2.81
N ASP B 183 14.64 -12.15 1.72
CA ASP B 183 15.04 -11.21 0.72
C ASP B 183 13.81 -10.64 0.04
N ASN B 184 12.63 -11.21 0.26
CA ASN B 184 11.40 -10.67 -0.35
C ASN B 184 10.76 -9.64 0.56
N MET B 185 11.46 -9.26 1.59
CA MET B 185 10.94 -8.23 2.51
C MET B 185 11.98 -7.17 2.63
N PHE B 186 11.55 -5.94 2.88
CA PHE B 186 12.46 -4.97 3.42
C PHE B 186 11.72 -4.29 4.52
N CYS B 187 12.50 -3.56 5.38
CA CYS B 187 11.84 -2.85 6.45
C CYS B 187 12.14 -1.38 6.37
N ALA B 188 11.24 -0.65 6.97
CA ALA B 188 11.28 0.75 7.04
C ALA B 188 10.79 1.29 8.35
N GLY B 189 11.31 2.47 8.66
CA GLY B 189 10.88 3.21 9.83
C GLY B 189 12.12 3.89 10.40
N TYR B 190 11.73 4.82 11.33
CA TYR B 190 12.78 5.50 12.04
C TYR B 190 13.33 4.67 13.21
N LYS B 191 14.58 4.99 13.56
CA LYS B 191 15.27 4.34 14.72
C LYS B 191 14.86 5.14 15.91
N PRO B 192 14.92 4.56 17.13
CA PRO B 192 14.60 5.35 18.33
C PRO B 192 15.49 6.57 18.47
N ASP B 193 17.05 6.71 17.91
CA ASP B 193 17.97 7.75 18.42
C ASP B 193 17.49 9.20 18.11
N GLU B 194 16.66 8.28 15.93
CA GLU B 194 16.26 9.31 15.00
C GLU B 194 15.20 10.17 15.64
N GLY B 195 13.43 10.69 17.37
CA GLY B 195 13.49 12.09 17.80
C GLY B 195 12.34 12.97 17.32
N LYS B 196 12.01 11.16 14.80
CA LYS B 196 10.72 11.20 14.14
C LYS B 196 10.18 9.80 14.25
N ARG B 197 8.90 9.65 13.94
CA ARG B 197 8.28 8.37 14.16
C ARG B 197 7.40 8.10 12.96
N GLY B 198 6.59 7.10 13.13
CA GLY B 198 5.65 6.71 12.11
C GLY B 198 5.71 5.28 11.71
N ASP B 199 4.52 4.78 11.36
CA ASP B 199 4.42 3.38 10.96
C ASP B 199 3.09 3.18 10.35
N ALA B 200 2.87 2.04 9.73
CA ALA B 200 1.60 1.55 9.41
C ALA B 200 0.97 0.90 10.63
N CYS B 201 -0.31 0.69 10.55
CA CYS B 201 -1.08 0.04 11.62
C CYS B 201 -2.37 -0.55 11.12
N GLU B 202 -2.98 -1.46 11.92
CA GLU B 202 -4.09 -2.28 11.45
C GLU B 202 -5.04 -1.63 10.46
N GLY B 203 -5.10 -2.22 9.27
CA GLY B 203 -5.94 -1.83 8.21
C GLY B 203 -5.15 -1.13 7.10
N ASP B 204 -3.87 -0.85 7.37
CA ASP B 204 -2.92 -0.30 6.36
C ASP B 204 -2.28 -1.39 5.59
N SER B 205 -2.34 -2.64 6.09
CA SER B 205 -1.85 -3.77 5.29
C SER B 205 -2.35 -3.73 3.88
N GLY B 206 -1.47 -4.15 2.95
CA GLY B 206 -1.76 -4.27 1.54
C GLY B 206 -1.62 -3.02 0.78
N GLY B 207 -1.55 -1.88 1.49
CA GLY B 207 -1.32 -0.61 0.83
C GLY B 207 0.15 -0.47 0.40
N PRO B 208 0.46 0.63 -0.30
CA PRO B 208 1.70 0.76 -1.00
C PRO B 208 2.73 1.54 -0.18
N PHE B 209 3.96 1.13 -0.32
CA PHE B 209 5.16 1.92 0.06
C PHE B 209 5.65 2.39 -1.24
N VAL B 210 5.63 3.73 -1.42
CA VAL B 210 6.01 4.19 -2.75
C VAL B 210 7.15 5.18 -2.61
N MET B 211 7.86 5.27 -3.72
CA MET B 211 8.98 6.14 -3.80
C MET B 211 8.91 6.91 -5.08
N LYS B 212 9.36 8.16 -5.01
CA LYS B 212 9.32 8.98 -6.26
C LYS B 212 10.62 8.94 -6.91
N SER B 213 10.71 8.37 -8.09
CA SER B 213 12.03 8.28 -8.73
C SER B 213 12.58 9.67 -9.05
N PRO B 214 13.80 9.97 -8.59
CA PRO B 214 14.36 11.27 -8.91
C PRO B 214 14.85 11.32 -10.35
N PHE B 215 14.92 10.19 -11.09
CA PHE B 215 15.40 10.05 -12.46
C PHE B 215 14.33 10.40 -13.42
N ASN B 216 12.99 9.99 -13.06
CA ASN B 216 11.94 10.25 -14.06
C ASN B 216 10.66 10.86 -13.46
N ASN B 217 10.74 11.11 -12.16
CA ASN B 217 9.74 11.81 -11.42
C ASN B 217 8.44 11.09 -11.39
N ARG B 218 8.49 9.79 -11.52
CA ARG B 218 7.34 8.98 -11.36
C ARG B 218 7.38 8.22 -10.05
N TRP B 219 6.21 7.96 -9.53
CA TRP B 219 6.05 7.11 -8.37
C TRP B 219 6.02 5.65 -8.69
N TYR B 220 6.80 4.94 -7.91
CA TYR B 220 6.97 3.56 -7.96
C TYR B 220 6.56 2.90 -6.70
N GLN B 221 5.82 1.81 -6.83
CA GLN B 221 5.45 1.12 -5.62
C GLN B 221 6.57 0.08 -5.34
N MET B 222 7.34 0.34 -4.35
CA MET B 222 8.52 -0.44 -4.01
C MET B 222 8.14 -1.55 -3.03
N GLY B 223 7.12 -1.29 -2.21
CA GLY B 223 6.72 -2.25 -1.15
C GLY B 223 5.27 -2.36 -0.99
N ILE B 224 4.84 -3.43 -0.30
CA ILE B 224 3.50 -3.56 0.14
C ILE B 224 3.53 -3.61 1.64
N VAL B 225 2.70 -2.84 2.30
CA VAL B 225 2.56 -2.93 3.73
C VAL B 225 2.23 -4.35 4.12
N SER B 226 3.16 -4.99 4.77
CA SER B 226 3.01 -6.34 5.22
C SER B 226 2.77 -6.50 6.72
N TRP B 227 3.77 -6.38 7.54
CA TRP B 227 3.55 -6.60 8.97
C TRP B 227 4.48 -5.86 9.76
N GLY B 228 4.09 -5.67 11.03
CA GLY B 228 4.94 -5.08 12.02
C GLY B 228 4.52 -5.70 13.33
N GLU B 229 5.41 -5.62 14.29
CA GLU B 229 5.16 -6.09 15.63
C GLU B 229 4.69 -4.86 16.39
N GLY B 230 3.38 -4.76 16.44
CA GLY B 230 2.64 -3.63 16.97
C GLY B 230 2.69 -2.56 15.92
N CYS B 231 2.51 -1.32 16.35
CA CYS B 231 2.64 -0.17 15.45
C CYS B 231 3.46 0.94 16.11
N ASP B 232 4.47 1.40 15.34
CA ASP B 232 5.26 2.55 15.64
C ASP B 232 6.02 2.38 16.98
N ARG B 233 6.35 0.98 17.29
CA ARG B 233 7.13 0.80 18.54
C ARG B 233 8.58 1.18 18.35
N ASP B 234 9.18 1.75 19.40
CA ASP B 234 10.56 2.02 19.32
C ASP B 234 11.29 0.71 19.08
N GLY B 235 12.24 0.76 18.16
CA GLY B 235 13.08 -0.37 17.89
C GLY B 235 12.45 -1.43 17.02
N LYS B 236 11.24 -1.15 16.58
CA LYS B 236 10.57 -2.09 15.69
C LYS B 236 10.40 -1.31 14.39
N TYR B 237 10.16 -2.08 13.32
CA TYR B 237 10.07 -1.56 11.98
C TYR B 237 8.94 -2.21 11.31
N GLY B 238 8.45 -1.54 10.30
CA GLY B 238 7.53 -2.11 9.41
C GLY B 238 8.20 -2.93 8.34
N PHE B 239 7.62 -4.07 8.07
CA PHE B 239 8.06 -4.99 7.01
C PHE B 239 7.19 -4.93 5.80
N TYR B 240 7.85 -4.74 4.67
CA TYR B 240 7.18 -4.57 3.44
C TYR B 240 7.55 -5.62 2.43
N THR B 241 6.57 -6.10 1.68
CA THR B 241 6.85 -6.95 0.55
C THR B 241 7.69 -6.20 -0.45
N HIS B 242 8.73 -6.89 -0.92
CA HIS B 242 9.63 -6.36 -1.91
C HIS B 242 9.03 -6.50 -3.27
N VAL B 243 8.37 -5.47 -3.76
CA VAL B 243 7.60 -5.61 -4.98
C VAL B 243 8.47 -6.10 -6.14
N PHE B 244 9.64 -5.51 -6.28
CA PHE B 244 10.50 -5.83 -7.40
C PHE B 244 10.89 -7.33 -7.38
N ARG B 245 11.13 -7.86 -6.20
CA ARG B 245 11.51 -9.24 -6.10
C ARG B 245 10.44 -10.17 -6.55
N LEU B 246 9.19 -9.72 -6.48
CA LEU B 246 8.07 -10.53 -6.79
C LEU B 246 7.45 -10.14 -8.14
N LYS B 247 8.13 -9.29 -8.90
CA LYS B 247 7.49 -8.72 -10.09
C LYS B 247 7.38 -9.74 -11.19
N LYS B 248 8.29 -10.70 -11.23
CA LYS B 248 8.12 -11.75 -12.22
C LYS B 248 6.79 -12.50 -12.01
N TRP B 249 6.41 -12.78 -10.76
CA TRP B 249 5.12 -13.38 -10.50
C TRP B 249 4.03 -12.41 -10.90
N ILE B 250 4.20 -11.14 -10.57
CA ILE B 250 3.18 -10.22 -10.95
C ILE B 250 2.93 -10.24 -12.49
N GLN B 251 4.02 -10.13 -13.23
CA GLN B 251 3.98 -10.06 -14.65
C GLN B 251 3.39 -11.34 -15.19
N LYS B 252 3.80 -12.46 -14.60
CA LYS B 252 3.29 -13.77 -15.01
C LYS B 252 1.78 -13.77 -14.88
N VAL B 253 1.28 -13.33 -13.73
CA VAL B 253 -0.16 -13.35 -13.52
C VAL B 253 -0.87 -12.44 -14.47
N ILE B 254 -0.30 -11.25 -14.67
CA ILE B 254 -0.95 -10.26 -15.47
C ILE B 254 -0.87 -10.77 -16.90
N ASP B 255 0.26 -11.36 -17.26
CA ASP B 255 0.42 -11.88 -18.65
C ASP B 255 -0.50 -13.06 -18.97
N GLN B 256 -0.77 -13.91 -17.99
CA GLN B 256 -1.59 -15.10 -18.24
C GLN B 256 -3.09 -14.80 -18.19
N PHE B 257 -3.46 -13.82 -17.37
CA PHE B 257 -4.88 -13.65 -17.05
C PHE B 257 -5.39 -12.28 -17.38
N GLY C 1 -22.25 0.75 11.20
CA GLY C 1 -22.64 2.15 11.55
C GLY C 1 -21.52 3.18 11.41
N ASP C 2 -20.32 2.75 11.04
CA ASP C 2 -19.21 3.68 10.77
C ASP C 2 -19.30 4.19 9.34
N PHE C 3 -19.48 3.26 8.41
CA PHE C 3 -19.39 3.59 7.01
C PHE C 3 -20.70 3.94 6.37
N GLU C 4 -20.65 5.01 5.59
CA GLU C 4 -21.80 5.42 4.86
C GLU C 4 -22.14 4.38 3.82
N GLU C 5 -23.45 4.15 3.68
CA GLU C 5 -23.92 3.15 2.77
C GLU C 5 -23.46 3.44 1.34
N ILE C 6 -23.08 2.37 0.69
CA ILE C 6 -22.67 2.32 -0.68
C ILE C 6 -23.95 2.24 -1.45
N PRO C 7 -24.03 2.90 -2.61
CA PRO C 7 -25.11 2.72 -3.60
C PRO C 7 -25.31 1.24 -3.88
N GLU C 8 -26.58 0.84 -4.04
CA GLU C 8 -26.94 -0.58 -3.90
C GLU C 8 -26.41 -1.38 -5.07
N GLU C 9 -26.25 -0.73 -6.20
CA GLU C 9 -25.72 -1.37 -7.39
C GLU C 9 -24.35 -1.99 -7.22
N TYS C 10 -23.53 -1.48 -6.30
CA TYS C 10 -22.21 -2.09 -6.02
CB TYS C 10 -21.33 -1.08 -5.31
CG TYS C 10 -21.11 0.11 -6.19
CD1 TYS C 10 -20.56 -0.02 -7.45
CD2 TYS C 10 -21.49 1.35 -5.68
CE1 TYS C 10 -20.39 1.11 -8.20
CE2 TYS C 10 -21.34 2.47 -6.44
CZ TYS C 10 -20.79 2.33 -7.68
OH TYS C 10 -20.62 3.48 -8.36
S TYS C 10 -19.31 4.32 -8.12
O1 TYS C 10 -19.22 4.66 -6.78
O2 TYS C 10 -18.37 3.43 -8.75
O3 TYS C 10 -19.66 5.39 -9.24
C TYS C 10 -22.25 -3.29 -5.12
O TYS C 10 -21.26 -3.99 -4.96
N LEU C 11 -23.40 -3.57 -4.52
CA LEU C 11 -23.54 -4.73 -3.66
C LEU C 11 -24.35 -5.79 -4.39
C4 QQT D . 0.92 -7.57 11.38
C5 QQT D . 0.17 -8.18 10.38
C6 QQT D . 0.02 -9.55 10.30
C8 QQT D . -1.12 -11.37 9.42
C10 QQT D . 0.12 -6.10 10.04
N12 QQT D . -0.16 -4.97 9.42
C13 QQT D . 0.01 -3.77 10.14
C15 QQT D . 2.13 -3.29 8.95
C17 QQT D . 3.89 -2.08 10.15
C21 QQT D . 1.97 -10.59 13.37
C26 QQT D . 5.25 -12.39 10.18
C28 QQT D . 4.71 -12.04 11.54
C16 QQT D . 3.43 -2.72 8.94
CL1 QQT D . 4.46 -2.79 7.55
C18 QQT D . 3.07 -1.99 11.29
C19 QQT D . 1.85 -2.61 11.29
C14 QQT D . 1.41 -3.26 10.13
C23 QQT D . -0.87 -2.70 9.38
F24 QQT D . -2.22 -2.98 9.15
O9 QQT D . -0.30 -7.26 9.54
N11 QQT D . 0.86 -6.22 11.15
C3 QQT D . 1.50 -8.33 12.35
O7 QQT D . -0.79 -10.02 9.28
C1 QQT D . 0.66 -10.28 11.27
C2 QQT D . 1.36 -9.70 12.31
O22 QQT D . 1.67 -10.37 14.56
N25 QQT D . 2.75 -11.58 12.99
C27 QQT D . 3.25 -11.82 11.58
O29 QQT D . 4.98 -13.14 12.47
C30 QQT D . 4.67 -12.58 13.76
C31 QQT D . 3.23 -12.51 14.03
C32 QQT D . 2.44 -13.79 13.81
C33 QQT D . 0.96 -13.54 14.16
O34 QQT D . -0.01 -14.36 13.47
C1 NAG E . -10.53 -20.85 0.90
C2 NAG E . -10.10 -22.25 1.28
C3 NAG E . -9.95 -23.11 0.05
C4 NAG E . -11.30 -23.17 -0.66
C5 NAG E . -11.80 -21.74 -0.93
C6 NAG E . -13.26 -21.72 -1.30
C7 NAG E . -8.75 -22.14 3.35
C8 NAG E . -9.92 -22.15 4.32
N2 NAG E . -8.86 -22.19 2.02
O3 NAG E . -9.55 -24.40 0.42
O4 NAG E . -11.20 -23.98 -1.83
O5 NAG E . -11.77 -20.96 0.23
O6 NAG E . -13.98 -21.21 -0.19
O7 NAG E . -7.62 -22.09 3.82
#